data_7NED
#
_entry.id   7NED
#
_cell.length_a   54.349
_cell.length_b   62.747
_cell.length_c   151.466
_cell.angle_alpha   90.000
_cell.angle_beta   90.000
_cell.angle_gamma   90.000
#
_symmetry.space_group_name_H-M   'P 21 2 21'
#
loop_
_entity.id
_entity.type
_entity.pdbx_description
1 polymer 'Urocanate hydratase'
2 non-polymer '(2E)-3-(1H-IMIDAZOL-4-YL)ACRYLIC ACID'
3 non-polymer NICOTINAMIDE-ADENINE-DINUCLEOTIDE
4 non-polymer 1,2-ETHANEDIOL
5 water water
#
_entity_poly.entity_id   1
_entity_poly.type   'polypeptide(L)'
_entity_poly.pdbx_seq_one_letter_code
;MERITAARGLELRCKGWRQEALLRMLENVLENGENQKELIVYAALAKAARNWPSYHAIVRTLKELEEDETLVIQSGKPIG
IFKTHRFAPLIVMANCNLVGRWATSENFYRLQEKGLLIWGGLTAAAWQYIGSQGVIQGTYEIFQSIARLHFNGSLAGKFI
LTAGLGGMGGAQPLAGTLAGAAILCVEVSEDRVDRRLQTNYLQRKTRSLDEALLWIEEAVDNLHPVSVGLTGNASDIYPE
LVRRGITPDIVTDQTSAHDLVYGYVPSGYRVEELEEARANDPEQLQRDAGASIAVEVEAMLELKKRGAIVFDNGNNIRSQ
AKEYGVQNAFDIDIFTEAFLRPLFARAIGPFRWVALSGELSDIHAIDEFILEAFSDNEVIANWIRLAREHVPVEGLPARI
GWFGHGDRTKLALAVNQMVREGKLQGPIAFSRDHLDAASMTHPNIMTERMKDGSDAIADWPLLNAMLNCSSMADLVTIHS
GGGGYAGYMTSAGVTLVADGSTESDIRLETTLNNDTGLGVLRYADAGYEESADEVRLKDIRWIKTN
;
_entity_poly.pdbx_strand_id   A
#
loop_
_chem_comp.id
_chem_comp.type
_chem_comp.name
_chem_comp.formula
EDO non-polymer 1,2-ETHANEDIOL 'C2 H6 O2'
NAD non-polymer NICOTINAMIDE-ADENINE-DINUCLEOTIDE 'C21 H27 N7 O14 P2'
URO non-polymer '(2E)-3-(1H-IMIDAZOL-4-YL)ACRYLIC ACID' 'C6 H6 N2 O2'
#
# COMPACT_ATOMS: atom_id res chain seq x y z
N GLU A 2 25.75 -3.70 -9.16
CA GLU A 2 24.74 -4.65 -9.60
C GLU A 2 23.53 -4.63 -8.64
N ARG A 3 22.34 -4.59 -9.23
CA ARG A 3 21.13 -4.39 -8.46
C ARG A 3 20.77 -5.64 -7.68
N ILE A 4 20.29 -5.46 -6.44
CA ILE A 4 19.89 -6.60 -5.64
C ILE A 4 18.62 -7.19 -6.23
N THR A 5 18.58 -8.51 -6.32
CA THR A 5 17.37 -9.22 -6.73
C THR A 5 17.14 -10.37 -5.78
N ALA A 6 15.88 -10.76 -5.66
CA ALA A 6 15.56 -11.93 -4.85
C ALA A 6 16.11 -13.19 -5.50
N ALA A 7 16.64 -14.08 -4.66
CA ALA A 7 16.99 -15.41 -5.11
C ALA A 7 15.77 -16.09 -5.72
N ARG A 8 15.98 -16.73 -6.86
CA ARG A 8 14.99 -17.57 -7.51
C ARG A 8 15.38 -19.03 -7.33
N GLY A 9 14.38 -19.91 -7.45
CA GLY A 9 14.63 -21.34 -7.40
C GLY A 9 14.49 -21.92 -6.00
N LEU A 10 15.04 -23.12 -5.84
CA LEU A 10 14.74 -23.92 -4.66
C LEU A 10 15.95 -24.18 -3.80
N GLU A 11 17.06 -23.48 -4.03
CA GLU A 11 18.25 -23.69 -3.25
C GLU A 11 18.14 -22.84 -1.99
N LEU A 12 18.13 -23.48 -0.84
CA LEU A 12 18.09 -22.75 0.42
C LEU A 12 19.43 -22.07 0.73
N ARG A 13 19.38 -20.79 1.12
CA ARG A 13 20.55 -20.17 1.72
C ARG A 13 20.46 -20.13 3.24
N CYS A 14 19.28 -20.36 3.78
CA CYS A 14 19.01 -20.32 5.20
C CYS A 14 18.79 -21.74 5.68
N LYS A 15 18.55 -21.86 6.99
CA LYS A 15 18.37 -23.17 7.59
C LYS A 15 17.02 -23.79 7.29
N GLY A 16 16.05 -23.00 6.85
CA GLY A 16 14.74 -23.51 6.47
C GLY A 16 14.01 -22.53 5.57
N TRP A 17 12.86 -22.96 5.10
CA TRP A 17 12.11 -22.16 4.12
C TRP A 17 11.36 -21.01 4.77
N ARG A 18 11.01 -21.13 6.05
CA ARG A 18 10.41 -19.96 6.68
C ARG A 18 11.42 -18.83 6.74
N GLN A 19 12.66 -19.14 7.08
CA GLN A 19 13.67 -18.10 7.13
C GLN A 19 14.00 -17.61 5.73
N GLU A 20 14.15 -18.53 4.80
CA GLU A 20 14.45 -18.15 3.42
C GLU A 20 13.38 -17.22 2.85
N ALA A 21 12.11 -17.49 3.20
CA ALA A 21 11.02 -16.67 2.67
C ALA A 21 11.20 -15.22 3.08
N LEU A 22 11.52 -14.99 4.35
CA LEU A 22 11.70 -13.62 4.80
C LEU A 22 12.90 -12.98 4.12
N LEU A 23 13.99 -13.73 3.94
CA LEU A 23 15.17 -13.18 3.26
C LEU A 23 14.81 -12.80 1.83
N ARG A 24 14.08 -13.66 1.15
CA ARG A 24 13.70 -13.33 -0.23
C ARG A 24 12.73 -12.17 -0.29
N MET A 25 11.84 -12.03 0.71
CA MET A 25 10.96 -10.88 0.69
C MET A 25 11.74 -9.59 0.88
N LEU A 26 12.76 -9.63 1.74
CA LEU A 26 13.64 -8.48 1.87
C LEU A 26 14.29 -8.15 0.52
N GLU A 27 14.86 -9.15 -0.13
CA GLU A 27 15.47 -8.92 -1.43
C GLU A 27 14.44 -8.38 -2.40
N ASN A 28 13.23 -8.93 -2.33
CA ASN A 28 12.18 -8.59 -3.29
C ASN A 28 11.72 -7.14 -3.16
N VAL A 29 11.61 -6.61 -1.94
CA VAL A 29 11.19 -5.21 -1.85
C VAL A 29 12.31 -4.31 -2.36
N LEU A 30 13.58 -4.73 -2.23
CA LEU A 30 14.66 -3.92 -2.80
C LEU A 30 14.66 -4.06 -4.32
N GLU A 31 14.39 -5.26 -4.83
CA GLU A 31 14.31 -5.46 -6.27
C GLU A 31 13.22 -4.58 -6.88
N ASN A 32 12.06 -4.48 -6.23
CA ASN A 32 11.00 -3.64 -6.71
C ASN A 32 11.08 -2.21 -6.19
N GLY A 33 12.18 -1.84 -5.58
CA GLY A 33 12.24 -0.56 -4.90
C GLY A 33 12.45 0.57 -5.89
N GLU A 34 11.89 1.73 -5.55
CA GLU A 34 12.02 2.91 -6.40
C GLU A 34 13.42 3.52 -6.33
N ASN A 35 14.17 3.25 -5.25
CA ASN A 35 15.56 3.76 -5.14
C ASN A 35 16.34 2.77 -4.25
N GLN A 36 16.53 1.55 -4.76
CA GLN A 36 17.20 0.48 -4.01
C GLN A 36 18.53 0.92 -3.42
N LYS A 37 19.27 1.69 -4.20
CA LYS A 37 20.57 2.18 -3.80
C LYS A 37 20.49 2.94 -2.47
N GLU A 38 19.37 3.60 -2.16
CA GLU A 38 19.24 4.27 -0.83
C GLU A 38 18.40 3.46 0.16
N LEU A 39 18.19 2.17 -0.13
CA LEU A 39 17.30 1.28 0.62
C LEU A 39 15.85 1.73 0.55
N ILE A 40 15.49 2.60 -0.39
CA ILE A 40 14.15 3.19 -0.41
C ILE A 40 13.25 2.32 -1.27
N VAL A 41 12.16 1.81 -0.68
CA VAL A 41 11.25 0.95 -1.44
C VAL A 41 10.19 1.78 -2.17
N TYR A 42 9.55 2.73 -1.49
CA TYR A 42 8.48 3.49 -2.10
C TYR A 42 8.19 4.70 -1.22
N ALA A 43 7.23 5.52 -1.66
CA ALA A 43 6.74 6.64 -0.84
C ALA A 43 7.88 7.57 -0.40
N ALA A 44 8.86 7.73 -1.29
CA ALA A 44 9.91 8.76 -1.20
C ALA A 44 10.99 8.43 -0.20
N LEU A 45 10.62 7.92 0.97
CA LEU A 45 11.66 7.62 1.95
C LEU A 45 11.30 6.41 2.82
N ALA A 46 10.41 5.53 2.36
CA ALA A 46 10.09 4.33 3.10
C ALA A 46 11.19 3.31 2.84
N LYS A 47 11.91 2.92 3.89
CA LYS A 47 13.14 2.17 3.69
C LYS A 47 12.99 0.73 4.18
N ALA A 48 13.74 -0.15 3.55
CA ALA A 48 13.73 -1.56 3.92
C ALA A 48 14.58 -1.87 5.13
N ALA A 49 15.56 -1.02 5.45
CA ALA A 49 16.44 -1.23 6.60
C ALA A 49 17.03 0.12 6.94
N ARG A 50 17.68 0.21 8.10
CA ARG A 50 18.11 1.54 8.50
C ARG A 50 19.28 2.01 7.66
N ASN A 51 20.13 1.10 7.22
CA ASN A 51 21.36 1.45 6.50
C ASN A 51 21.94 0.14 6.00
N TRP A 52 23.01 0.26 5.20
CA TRP A 52 23.55 -0.95 4.57
C TRP A 52 24.18 -1.88 5.58
N PRO A 53 24.90 -1.36 6.56
CA PRO A 53 25.34 -2.24 7.66
C PRO A 53 24.19 -3.02 8.28
N SER A 54 23.05 -2.37 8.57
CA SER A 54 21.91 -3.11 9.11
C SER A 54 21.44 -4.18 8.13
N TYR A 55 21.34 -3.83 6.84
CA TYR A 55 20.90 -4.81 5.84
C TYR A 55 21.79 -6.04 5.84
N HIS A 56 23.11 -5.85 5.76
CA HIS A 56 23.99 -7.01 5.72
C HIS A 56 23.88 -7.85 6.98
N ALA A 57 23.75 -7.20 8.15
CA ALA A 57 23.61 -7.96 9.39
C ALA A 57 22.26 -8.68 9.47
N ILE A 58 21.19 -8.08 8.94
CA ILE A 58 19.93 -8.81 8.81
C ILE A 58 20.10 -10.03 7.92
N VAL A 59 20.73 -9.86 6.76
CA VAL A 59 20.93 -10.98 5.85
C VAL A 59 21.72 -12.09 6.52
N ARG A 60 22.86 -11.75 7.14
CA ARG A 60 23.64 -12.76 7.86
C ARG A 60 22.79 -13.47 8.92
N THR A 61 22.06 -12.68 9.71
CA THR A 61 21.27 -13.28 10.79
C THR A 61 20.23 -14.25 10.25
N LEU A 62 19.51 -13.88 9.17
CA LEU A 62 18.48 -14.76 8.64
C LEU A 62 19.05 -16.07 8.12
N LYS A 63 20.25 -16.02 7.56
CA LYS A 63 20.86 -17.25 7.04
C LYS A 63 21.19 -18.26 8.14
N GLU A 64 21.38 -17.82 9.37
CA GLU A 64 21.69 -18.69 10.48
C GLU A 64 20.58 -18.89 11.54
N LEU A 65 19.50 -18.16 11.40
CA LEU A 65 18.42 -18.24 12.34
C LEU A 65 17.68 -19.58 12.38
N GLU A 66 17.49 -20.11 13.56
CA GLU A 66 16.75 -21.33 13.73
C GLU A 66 15.27 -21.03 13.87
N GLU A 67 14.46 -22.06 13.61
CA GLU A 67 13.01 -21.91 13.66
C GLU A 67 12.50 -21.54 15.05
N ASP A 68 13.24 -21.87 16.11
CA ASP A 68 12.83 -21.56 17.46
C ASP A 68 13.46 -20.28 18.00
N GLU A 69 13.90 -19.40 17.13
CA GLU A 69 14.49 -18.14 17.53
C GLU A 69 13.68 -16.98 16.97
N THR A 70 13.87 -15.83 17.60
CA THR A 70 13.27 -14.60 17.09
C THR A 70 14.36 -13.53 16.97
N LEU A 71 14.46 -12.95 15.78
CA LEU A 71 15.27 -11.78 15.53
C LEU A 71 14.46 -10.52 15.82
N VAL A 72 15.03 -9.62 16.61
CA VAL A 72 14.37 -8.36 16.93
C VAL A 72 14.97 -7.26 16.06
N ILE A 73 14.12 -6.57 15.32
CA ILE A 73 14.55 -5.45 14.48
C ILE A 73 13.91 -4.17 15.01
N GLN A 74 14.70 -3.11 15.12
CA GLN A 74 14.25 -1.85 15.71
C GLN A 74 14.56 -0.73 14.71
N SER A 75 13.51 0.01 14.32
CA SER A 75 13.59 0.93 13.18
C SER A 75 14.64 0.49 12.16
N GLY A 76 14.50 -0.73 11.65
CA GLY A 76 15.30 -1.18 10.55
C GLY A 76 16.67 -1.68 10.90
N LYS A 77 16.98 -1.82 12.19
CA LYS A 77 18.30 -2.28 12.60
C LYS A 77 18.16 -3.56 13.40
N PRO A 78 18.87 -4.63 13.04
CA PRO A 78 18.80 -5.87 13.83
C PRO A 78 19.51 -5.67 15.17
N ILE A 79 18.85 -6.07 16.25
CA ILE A 79 19.32 -5.80 17.60
C ILE A 79 19.80 -7.07 18.28
N GLY A 80 18.98 -8.11 18.28
CA GLY A 80 19.42 -9.32 18.95
C GLY A 80 18.63 -10.52 18.51
N ILE A 81 19.13 -11.69 18.89
CA ILE A 81 18.49 -12.96 18.61
C ILE A 81 18.06 -13.56 19.94
N PHE A 82 16.81 -14.00 20.03
CA PHE A 82 16.26 -14.51 21.28
C PHE A 82 15.67 -15.89 21.06
N LYS A 83 15.84 -16.75 22.05
CA LYS A 83 15.14 -18.02 22.02
C LYS A 83 13.66 -17.82 22.31
N THR A 84 12.81 -18.34 21.41
CA THR A 84 11.37 -18.39 21.63
C THR A 84 10.92 -19.82 21.43
N HIS A 85 10.14 -20.08 20.39
CA HIS A 85 9.71 -21.44 20.09
C HIS A 85 9.32 -21.45 18.62
N ARG A 86 9.07 -22.63 18.08
CA ARG A 86 8.90 -22.60 16.64
C ARG A 86 7.50 -22.19 16.21
N PHE A 87 6.57 -21.98 17.15
CA PHE A 87 5.28 -21.40 16.82
C PHE A 87 5.22 -19.94 17.19
N ALA A 88 6.36 -19.31 17.28
CA ALA A 88 6.46 -17.88 17.53
C ALA A 88 7.04 -17.22 16.30
N PRO A 89 6.79 -15.93 16.08
CA PRO A 89 7.42 -15.23 14.96
C PRO A 89 8.93 -15.45 14.87
N LEU A 90 9.42 -15.48 13.63
CA LEU A 90 10.87 -15.48 13.42
C LEU A 90 11.42 -14.07 13.56
N ILE A 91 10.62 -13.07 13.26
CA ILE A 91 11.01 -11.67 13.39
C ILE A 91 9.87 -10.92 14.05
N VAL A 92 10.18 -10.11 15.07
CA VAL A 92 9.29 -9.05 15.49
C VAL A 92 10.04 -7.75 15.25
N MET A 93 9.37 -6.75 14.71
CA MET A 93 10.03 -5.48 14.46
C MET A 93 9.09 -4.32 14.78
N ALA A 94 9.68 -3.19 15.14
CA ALA A 94 8.91 -1.98 15.44
C ALA A 94 9.69 -0.83 14.85
N ASN A 95 9.07 -0.12 13.90
CA ASN A 95 9.78 0.85 13.06
C ASN A 95 9.14 2.24 13.16
N CYS A 96 9.95 3.18 13.60
CA CYS A 96 9.74 4.62 13.53
C CYS A 96 8.60 5.01 14.52
N ASN A 97 8.57 4.36 15.69
CA ASN A 97 7.61 4.70 16.75
C ASN A 97 8.20 5.72 17.71
N LEU A 98 7.54 6.85 17.86
CA LEU A 98 7.99 7.96 18.70
C LEU A 98 6.88 8.30 19.66
N VAL A 99 7.22 8.63 20.91
CA VAL A 99 6.16 9.02 21.82
C VAL A 99 5.53 10.32 21.35
N GLY A 100 4.25 10.48 21.66
CA GLY A 100 3.40 11.35 20.84
C GLY A 100 3.88 12.78 20.75
N ARG A 101 4.21 13.41 21.86
CA ARG A 101 4.60 14.81 21.78
C ARG A 101 5.87 14.99 20.98
N TRP A 102 6.65 13.93 20.77
CA TRP A 102 7.87 14.00 20.01
C TRP A 102 7.70 13.51 18.58
N ALA A 103 6.50 13.04 18.25
CA ALA A 103 6.22 12.48 16.93
C ALA A 103 5.91 13.63 15.99
N THR A 104 6.96 14.37 15.61
CA THR A 104 6.82 15.45 14.64
C THR A 104 7.76 15.23 13.46
N SER A 105 7.49 15.85 12.31
CA SER A 105 8.38 15.62 11.17
C SER A 105 9.76 16.17 11.49
N GLU A 106 9.79 17.27 12.22
CA GLU A 106 11.06 17.88 12.53
C GLU A 106 11.91 16.94 13.39
N ASN A 107 11.32 16.38 14.43
CA ASN A 107 11.97 15.38 15.21
C ASN A 107 12.37 14.21 14.36
N PHE A 108 11.49 13.72 13.49
CA PHE A 108 11.85 12.59 12.63
C PHE A 108 13.12 12.85 11.83
N TYR A 109 13.18 13.98 11.11
CA TYR A 109 14.35 14.22 10.27
C TYR A 109 15.61 14.28 11.10
N ARG A 110 15.56 14.97 12.24
CA ARG A 110 16.71 15.07 13.11
C ARG A 110 17.17 13.70 13.58
N LEU A 111 16.23 12.85 13.98
CA LEU A 111 16.62 11.52 14.43
C LEU A 111 17.09 10.66 13.27
N GLN A 112 16.48 10.80 12.08
CA GLN A 112 17.02 10.04 10.95
C GLN A 112 18.43 10.51 10.60
N GLU A 113 18.65 11.83 10.55
CA GLU A 113 20.00 12.35 10.43
C GLU A 113 20.99 11.80 11.45
N LYS A 114 20.55 11.62 12.68
CA LYS A 114 21.44 11.12 13.71
C LYS A 114 21.71 9.63 13.58
N GLY A 115 21.01 8.94 12.67
CA GLY A 115 21.21 7.51 12.57
C GLY A 115 20.37 6.67 13.51
N LEU A 116 19.33 7.25 14.12
CA LEU A 116 18.56 6.55 15.15
C LEU A 116 17.28 5.89 14.62
N LEU A 117 16.80 6.26 13.46
CA LEU A 117 15.58 5.62 12.96
C LEU A 117 15.46 5.80 11.45
N ILE A 118 14.46 5.14 10.89
CA ILE A 118 14.23 5.21 9.47
C ILE A 118 12.69 5.25 9.49
N TRP A 119 12.05 5.77 8.44
CA TRP A 119 10.61 5.51 8.27
C TRP A 119 10.43 4.21 7.51
N GLY A 120 9.56 3.31 8.00
CA GLY A 120 9.40 2.03 7.35
C GLY A 120 8.28 1.95 6.32
N GLY A 121 7.66 3.07 5.98
CA GLY A 121 6.43 3.00 5.21
C GLY A 121 5.41 2.14 5.94
N LEU A 122 4.50 1.55 5.16
CA LEU A 122 3.70 0.48 5.71
C LEU A 122 4.38 -0.87 5.45
N THR A 123 4.72 -1.15 4.19
CA THR A 123 5.23 -2.47 3.87
C THR A 123 6.72 -2.48 3.51
N ALA A 124 7.42 -1.35 3.62
CA ALA A 124 8.84 -1.35 3.20
C ALA A 124 9.71 -2.05 4.24
N ALA A 125 9.69 -1.57 5.48
CA ALA A 125 10.63 -2.14 6.45
C ALA A 125 10.23 -3.52 6.93
N ALA A 126 8.99 -3.93 6.67
CA ALA A 126 8.58 -5.29 6.98
C ALA A 126 8.65 -6.22 5.76
N TRP A 127 9.02 -5.67 4.59
CA TRP A 127 9.43 -6.42 3.40
C TRP A 127 8.15 -7.03 2.82
N GLN A 128 7.04 -6.30 2.87
CA GLN A 128 5.77 -6.86 2.45
C GLN A 128 5.24 -6.25 1.15
N TYR A 129 6.03 -5.36 0.56
CA TYR A 129 5.73 -4.67 -0.67
C TYR A 129 5.92 -5.65 -1.82
N ILE A 130 4.99 -5.67 -2.76
CA ILE A 130 5.12 -6.59 -3.89
C ILE A 130 5.26 -5.85 -5.21
N GLY A 131 5.48 -4.53 -5.17
CA GLY A 131 5.45 -3.70 -6.36
C GLY A 131 4.17 -2.91 -6.43
N SER A 132 3.93 -2.29 -7.59
CA SER A 132 2.72 -1.50 -7.78
C SER A 132 1.46 -2.34 -7.66
N GLN A 133 1.54 -3.65 -7.90
CA GLN A 133 0.34 -4.46 -7.80
C GLN A 133 -0.26 -4.40 -6.40
N GLY A 134 0.56 -4.16 -5.39
CA GLY A 134 0.04 -4.23 -4.02
C GLY A 134 -1.15 -3.31 -3.81
N VAL A 135 -1.17 -2.17 -4.51
CA VAL A 135 -2.23 -1.19 -4.31
C VAL A 135 -3.23 -1.17 -5.46
N ILE A 136 -3.01 -1.95 -6.51
CA ILE A 136 -3.83 -1.70 -7.70
C ILE A 136 -5.29 -2.12 -7.48
N GLN A 137 -5.55 -3.21 -6.73
CA GLN A 137 -6.95 -3.58 -6.57
C GLN A 137 -7.70 -2.60 -5.70
N GLY A 138 -7.05 -2.08 -4.65
CA GLY A 138 -7.66 -1.04 -3.84
C GLY A 138 -8.09 0.15 -4.68
N THR A 139 -7.20 0.63 -5.53
CA THR A 139 -7.53 1.79 -6.36
C THR A 139 -8.65 1.46 -7.34
N TYR A 140 -8.58 0.28 -7.94
CA TYR A 140 -9.66 -0.14 -8.82
C TYR A 140 -11.00 -0.22 -8.06
N GLU A 141 -10.98 -0.74 -6.83
CA GLU A 141 -12.21 -0.77 -6.02
C GLU A 141 -12.68 0.64 -5.65
N ILE A 142 -11.75 1.58 -5.45
CA ILE A 142 -12.18 2.97 -5.27
C ILE A 142 -12.90 3.46 -6.53
N PHE A 143 -12.26 3.29 -7.70
CA PHE A 143 -12.89 3.75 -8.94
C PHE A 143 -14.24 3.06 -9.16
N GLN A 144 -14.33 1.75 -8.87
CA GLN A 144 -15.61 1.06 -9.07
C GLN A 144 -16.68 1.51 -8.09
N SER A 145 -16.30 1.77 -6.83
CA SER A 145 -17.24 2.32 -5.86
C SER A 145 -17.79 3.67 -6.33
N ILE A 146 -16.90 4.54 -6.80
CA ILE A 146 -17.33 5.82 -7.38
C ILE A 146 -18.29 5.59 -8.54
N ALA A 147 -17.97 4.63 -9.41
CA ALA A 147 -18.84 4.34 -10.55
C ALA A 147 -20.23 3.95 -10.07
N ARG A 148 -20.30 3.05 -9.09
CA ARG A 148 -21.61 2.65 -8.58
C ARG A 148 -22.33 3.83 -7.96
N LEU A 149 -21.62 4.71 -7.26
CA LEU A 149 -22.29 5.75 -6.50
C LEU A 149 -22.77 6.89 -7.39
N HIS A 150 -22.05 7.18 -8.47
CA HIS A 150 -22.27 8.39 -9.24
C HIS A 150 -22.43 8.19 -10.73
N PHE A 151 -22.15 7.01 -11.28
CA PHE A 151 -22.09 6.88 -12.73
C PHE A 151 -22.71 5.57 -13.20
N ASN A 152 -23.75 5.10 -12.50
CA ASN A 152 -24.56 3.95 -12.95
C ASN A 152 -23.72 2.68 -13.10
N GLY A 153 -22.64 2.58 -12.33
CA GLY A 153 -21.87 1.37 -12.35
C GLY A 153 -20.77 1.30 -13.41
N SER A 154 -20.55 2.36 -14.18
CA SER A 154 -19.53 2.29 -15.22
C SER A 154 -18.79 3.61 -15.31
N LEU A 155 -17.45 3.54 -15.40
CA LEU A 155 -16.60 4.67 -15.76
C LEU A 155 -16.33 4.78 -17.25
N ALA A 156 -16.93 3.94 -18.07
CA ALA A 156 -16.74 4.12 -19.51
C ALA A 156 -17.20 5.52 -19.90
N GLY A 157 -16.38 6.24 -20.68
CA GLY A 157 -16.67 7.64 -20.99
C GLY A 157 -16.50 8.60 -19.82
N LYS A 158 -15.79 8.21 -18.76
CA LYS A 158 -15.53 9.11 -17.67
C LYS A 158 -14.04 9.42 -17.60
N PHE A 159 -13.77 10.67 -17.27
CA PHE A 159 -12.43 11.24 -17.14
C PHE A 159 -11.93 11.40 -15.72
N ILE A 160 -10.87 10.64 -15.43
CA ILE A 160 -10.19 10.65 -14.15
C ILE A 160 -8.91 11.48 -14.31
N LEU A 161 -8.69 12.40 -13.40
CA LEU A 161 -7.44 13.13 -13.35
C LEU A 161 -6.73 12.74 -12.08
N THR A 162 -5.45 12.41 -12.18
CA THR A 162 -4.68 12.18 -10.96
C THR A 162 -3.24 12.59 -11.20
N ALA A 163 -2.37 12.33 -10.21
CA ALA A 163 -0.97 12.66 -10.37
C ALA A 163 -0.14 11.64 -9.60
N GLY A 164 1.13 11.52 -10.00
CA GLY A 164 2.04 10.64 -9.31
C GLY A 164 2.11 9.26 -9.93
N LEU A 165 3.25 8.93 -10.52
CA LEU A 165 3.45 7.60 -11.06
C LEU A 165 4.64 6.90 -10.40
N GLY A 166 4.70 6.95 -9.08
CA GLY A 166 5.72 6.28 -8.30
C GLY A 166 5.37 4.83 -8.01
N GLY A 167 5.90 4.33 -6.89
CA GLY A 167 5.67 2.92 -6.54
C GLY A 167 4.20 2.54 -6.46
N MET A 168 3.46 3.41 -5.82
CA MET A 168 2.07 3.21 -5.62
C MET A 168 1.24 3.95 -6.63
N GLY A 169 1.59 5.22 -6.87
CA GLY A 169 0.87 5.99 -7.89
C GLY A 169 0.90 5.36 -9.27
N GLY A 170 1.98 4.63 -9.58
CA GLY A 170 2.07 3.99 -10.87
C GLY A 170 0.97 2.98 -11.14
N ALA A 171 0.25 2.52 -10.09
CA ALA A 171 -0.87 1.60 -10.31
C ALA A 171 -2.10 2.32 -10.86
N GLN A 172 -2.16 3.62 -10.74
CA GLN A 172 -3.42 4.32 -11.05
C GLN A 172 -3.80 4.20 -12.52
N PRO A 173 -2.90 4.33 -13.48
CA PRO A 173 -3.36 4.25 -14.88
C PRO A 173 -3.97 2.89 -15.20
N LEU A 174 -3.40 1.81 -14.67
CA LEU A 174 -3.97 0.50 -14.94
C LEU A 174 -5.29 0.30 -14.18
N ALA A 175 -5.36 0.76 -12.92
CA ALA A 175 -6.64 0.72 -12.25
C ALA A 175 -7.67 1.50 -13.07
N GLY A 176 -7.28 2.67 -13.58
CA GLY A 176 -8.21 3.46 -14.37
C GLY A 176 -8.69 2.72 -15.61
N THR A 177 -7.78 2.19 -16.41
CA THR A 177 -8.24 1.55 -17.65
C THR A 177 -8.93 0.22 -17.41
N LEU A 178 -8.53 -0.54 -16.38
CA LEU A 178 -9.29 -1.73 -16.02
C LEU A 178 -10.74 -1.41 -15.71
N ALA A 179 -11.01 -0.23 -15.15
CA ALA A 179 -12.36 0.21 -14.87
C ALA A 179 -13.02 0.89 -16.05
N GLY A 180 -12.36 0.95 -17.20
CA GLY A 180 -12.95 1.49 -18.41
C GLY A 180 -12.77 2.97 -18.60
N ALA A 181 -12.04 3.66 -17.70
CA ALA A 181 -11.98 5.10 -17.63
C ALA A 181 -10.94 5.66 -18.58
N ALA A 182 -11.05 6.94 -18.85
CA ALA A 182 -9.98 7.67 -19.53
C ALA A 182 -9.23 8.43 -18.44
N ILE A 183 -7.99 8.05 -18.19
CA ILE A 183 -7.29 8.55 -17.00
C ILE A 183 -6.03 9.30 -17.44
N LEU A 184 -5.90 10.54 -16.96
CA LEU A 184 -4.73 11.37 -17.16
C LEU A 184 -3.91 11.42 -15.86
N CYS A 185 -2.64 11.01 -15.94
CA CYS A 185 -1.76 10.99 -14.77
C CYS A 185 -0.63 11.99 -14.96
N VAL A 186 -0.62 13.04 -14.14
CA VAL A 186 0.42 14.06 -14.17
C VAL A 186 1.59 13.57 -13.32
N GLU A 187 2.79 13.61 -13.90
CA GLU A 187 3.99 13.15 -13.22
C GLU A 187 5.15 14.07 -13.59
N VAL A 188 5.92 14.51 -12.62
CA VAL A 188 7.00 15.44 -12.92
C VAL A 188 8.23 14.84 -13.55
N SER A 189 8.50 13.57 -13.29
CA SER A 189 9.72 12.92 -13.75
C SER A 189 9.45 12.12 -15.03
N GLU A 190 10.16 12.43 -16.08
CA GLU A 190 10.03 11.72 -17.30
C GLU A 190 10.47 10.30 -17.05
N ASP A 191 11.46 10.12 -16.22
CA ASP A 191 11.95 8.79 -15.88
C ASP A 191 10.80 7.89 -15.38
N ARG A 192 9.98 8.41 -14.47
CA ARG A 192 8.88 7.67 -13.98
C ARG A 192 7.86 7.44 -15.07
N VAL A 193 7.55 8.46 -15.86
CA VAL A 193 6.60 8.22 -16.95
C VAL A 193 7.04 7.06 -17.83
N ASP A 194 8.33 7.04 -18.21
CA ASP A 194 8.84 6.00 -19.10
C ASP A 194 8.77 4.63 -18.45
N ARG A 195 9.18 4.53 -17.18
CA ARG A 195 9.08 3.27 -16.47
C ARG A 195 7.67 2.69 -16.57
N ARG A 196 6.64 3.50 -16.37
CA ARG A 196 5.30 2.94 -16.41
C ARG A 196 4.90 2.58 -17.82
N LEU A 197 5.34 3.38 -18.79
CA LEU A 197 5.10 3.02 -20.18
C LEU A 197 5.71 1.66 -20.49
N GLN A 198 6.94 1.45 -20.06
CA GLN A 198 7.63 0.23 -20.48
C GLN A 198 7.22 -1.00 -19.68
N THR A 199 6.60 -0.84 -18.52
CA THR A 199 6.03 -2.00 -17.84
C THR A 199 4.57 -2.19 -18.19
N ASN A 200 4.03 -1.36 -19.08
CA ASN A 200 2.65 -1.44 -19.53
C ASN A 200 1.63 -1.20 -18.43
N TYR A 201 2.02 -0.46 -17.40
CA TYR A 201 1.02 0.12 -16.53
C TYR A 201 0.38 1.33 -17.18
N LEU A 202 1.07 1.90 -18.16
CA LEU A 202 0.70 3.15 -18.81
C LEU A 202 0.61 2.91 -20.32
N GLN A 203 -0.42 3.48 -20.96
CA GLN A 203 -0.59 3.22 -22.39
C GLN A 203 0.11 4.25 -23.26
N ARG A 204 -0.01 5.53 -22.90
CA ARG A 204 0.50 6.64 -23.72
C ARG A 204 1.19 7.65 -22.83
N LYS A 205 2.12 8.41 -23.42
CA LYS A 205 2.79 9.51 -22.70
C LYS A 205 2.90 10.71 -23.63
N THR A 206 3.00 11.89 -23.02
CA THR A 206 3.17 13.10 -23.80
C THR A 206 3.74 14.17 -22.88
N ARG A 207 4.33 15.20 -23.47
CA ARG A 207 4.71 16.39 -22.71
C ARG A 207 3.77 17.54 -22.96
N SER A 208 2.75 17.33 -23.79
CA SER A 208 1.81 18.39 -24.15
C SER A 208 0.46 18.15 -23.49
N LEU A 209 -0.02 19.12 -22.72
CA LEU A 209 -1.34 19.02 -22.13
C LEU A 209 -2.44 19.01 -23.19
N ASP A 210 -2.30 19.84 -24.22
CA ASP A 210 -3.29 19.81 -25.30
C ASP A 210 -3.40 18.42 -25.91
N GLU A 211 -2.26 17.79 -26.20
CA GLU A 211 -2.28 16.45 -26.77
C GLU A 211 -2.93 15.46 -25.80
N ALA A 212 -2.60 15.59 -24.51
CA ALA A 212 -3.19 14.69 -23.54
C ALA A 212 -4.70 14.83 -23.51
N LEU A 213 -5.20 16.07 -23.50
CA LEU A 213 -6.65 16.29 -23.44
C LEU A 213 -7.33 15.83 -24.73
N LEU A 214 -6.66 15.99 -25.87
CA LEU A 214 -7.21 15.46 -27.12
C LEU A 214 -7.41 13.96 -27.03
N TRP A 215 -6.38 13.24 -26.57
CA TRP A 215 -6.50 11.79 -26.34
C TRP A 215 -7.62 11.46 -25.35
N ILE A 216 -7.71 12.19 -24.24
CA ILE A 216 -8.76 11.92 -23.28
C ILE A 216 -10.11 12.15 -23.92
N GLU A 217 -10.22 13.23 -24.70
CA GLU A 217 -11.52 13.54 -25.30
C GLU A 217 -11.97 12.45 -26.28
N GLU A 218 -11.06 12.02 -27.15
CA GLU A 218 -11.39 10.94 -28.08
C GLU A 218 -11.85 9.69 -27.36
N ALA A 219 -11.18 9.33 -26.27
CA ALA A 219 -11.58 8.14 -25.52
C ALA A 219 -12.94 8.33 -24.86
N VAL A 220 -13.11 9.42 -24.12
CA VAL A 220 -14.40 9.69 -23.49
C VAL A 220 -15.52 9.60 -24.52
N ASP A 221 -15.36 10.33 -25.61
CA ASP A 221 -16.40 10.40 -26.64
C ASP A 221 -16.76 9.01 -27.14
N ASN A 222 -15.76 8.13 -27.29
CA ASN A 222 -15.99 6.78 -27.78
C ASN A 222 -16.29 5.77 -26.67
N LEU A 223 -16.28 6.17 -25.40
CA LEU A 223 -16.42 5.24 -24.28
C LEU A 223 -15.29 4.23 -24.23
N HIS A 224 -14.09 4.59 -24.77
CA HIS A 224 -12.94 3.70 -24.71
C HIS A 224 -12.11 4.02 -23.47
N PRO A 225 -11.39 3.05 -22.94
CA PRO A 225 -10.41 3.38 -21.89
C PRO A 225 -9.11 3.88 -22.52
N VAL A 226 -8.42 4.76 -21.77
CA VAL A 226 -7.08 5.15 -22.17
C VAL A 226 -6.37 5.63 -20.92
N SER A 227 -5.06 5.43 -20.87
CA SER A 227 -4.22 6.02 -19.84
C SER A 227 -3.16 6.91 -20.49
N VAL A 228 -3.06 8.12 -19.98
CA VAL A 228 -2.10 9.09 -20.52
C VAL A 228 -1.24 9.59 -19.37
N GLY A 229 0.08 9.48 -19.53
CA GLY A 229 1.01 10.09 -18.62
C GLY A 229 1.47 11.41 -19.19
N LEU A 230 1.19 12.48 -18.47
CA LEU A 230 1.59 13.82 -18.86
C LEU A 230 2.75 14.27 -18.00
N THR A 231 3.90 14.56 -18.63
CA THR A 231 5.03 15.08 -17.89
C THR A 231 4.77 16.53 -17.48
N GLY A 232 4.73 16.76 -16.19
CA GLY A 232 4.43 18.07 -15.67
C GLY A 232 4.21 18.01 -14.17
N ASN A 233 4.01 19.18 -13.60
CA ASN A 233 3.80 19.33 -12.18
C ASN A 233 2.30 19.49 -11.91
N ALA A 234 1.77 18.67 -11.00
CA ALA A 234 0.34 18.77 -10.69
C ALA A 234 -0.06 20.17 -10.23
N SER A 235 0.83 20.90 -9.55
CA SER A 235 0.43 22.21 -9.07
C SER A 235 0.41 23.24 -10.19
N ASP A 236 0.89 22.88 -11.38
CA ASP A 236 0.71 23.68 -12.58
C ASP A 236 -0.46 23.21 -13.41
N ILE A 237 -0.62 21.90 -13.57
CA ILE A 237 -1.63 21.38 -14.52
C ILE A 237 -3.02 21.56 -13.95
N TYR A 238 -3.20 21.22 -12.67
CA TYR A 238 -4.55 21.26 -12.10
C TYR A 238 -5.13 22.65 -12.18
N PRO A 239 -4.42 23.71 -11.80
CA PRO A 239 -5.01 25.06 -11.93
C PRO A 239 -5.27 25.42 -13.37
N GLU A 240 -4.44 24.94 -14.29
CA GLU A 240 -4.66 25.21 -15.71
C GLU A 240 -5.97 24.59 -16.20
N LEU A 241 -6.29 23.38 -15.75
CA LEU A 241 -7.58 22.80 -16.14
C LEU A 241 -8.72 23.63 -15.58
N VAL A 242 -8.54 24.16 -14.38
CA VAL A 242 -9.55 25.05 -13.82
C VAL A 242 -9.67 26.30 -14.67
N ARG A 243 -8.53 26.84 -15.11
CA ARG A 243 -8.55 28.00 -15.98
C ARG A 243 -9.33 27.69 -17.27
N ARG A 244 -9.03 26.55 -17.89
CA ARG A 244 -9.69 26.17 -19.14
C ARG A 244 -11.12 25.73 -18.95
N GLY A 245 -11.66 25.74 -17.72
CA GLY A 245 -13.01 25.26 -17.47
C GLY A 245 -13.22 23.80 -17.76
N ILE A 246 -12.16 23.00 -17.73
CA ILE A 246 -12.21 21.57 -17.95
C ILE A 246 -12.36 20.89 -16.59
N THR A 247 -13.50 20.26 -16.36
CA THR A 247 -13.76 19.57 -15.10
C THR A 247 -13.76 18.08 -15.37
N PRO A 248 -12.75 17.33 -14.94
CA PRO A 248 -12.82 15.88 -15.05
C PRO A 248 -13.97 15.37 -14.20
N ASP A 249 -14.36 14.12 -14.46
CA ASP A 249 -15.43 13.51 -13.69
C ASP A 249 -14.95 13.09 -12.32
N ILE A 250 -13.67 12.77 -12.23
CA ILE A 250 -13.07 12.30 -10.97
C ILE A 250 -11.69 12.93 -10.85
N VAL A 251 -11.34 13.37 -9.65
CA VAL A 251 -10.05 13.99 -9.44
C VAL A 251 -9.46 13.47 -8.14
N THR A 252 -8.22 13.01 -8.20
CA THR A 252 -7.48 12.70 -6.97
C THR A 252 -6.02 13.04 -7.20
N ASP A 253 -5.14 12.53 -6.32
CA ASP A 253 -3.72 12.82 -6.38
C ASP A 253 -3.03 11.69 -5.67
N GLN A 254 -1.90 11.24 -6.19
CA GLN A 254 -1.14 10.30 -5.41
C GLN A 254 0.34 10.60 -5.57
N THR A 255 0.65 11.86 -5.42
CA THR A 255 2.01 12.29 -5.34
C THR A 255 2.49 11.97 -3.90
N SER A 256 3.75 12.19 -3.66
CA SER A 256 4.29 12.02 -2.34
C SER A 256 4.09 13.30 -1.49
N ALA A 257 2.87 13.74 -1.27
CA ALA A 257 2.53 14.91 -0.53
C ALA A 257 2.78 14.77 0.95
N HIS A 258 3.00 13.56 1.41
CA HIS A 258 3.28 13.38 2.83
C HIS A 258 4.65 13.89 3.25
N ASP A 259 5.54 14.14 2.30
CA ASP A 259 6.88 14.55 2.68
C ASP A 259 7.35 15.68 1.79
N LEU A 260 7.51 16.86 2.42
CA LEU A 260 7.87 18.09 1.73
C LEU A 260 9.38 18.21 1.52
N VAL A 261 10.17 17.26 2.02
CA VAL A 261 11.59 17.31 1.80
C VAL A 261 12.02 16.32 0.74
N TYR A 262 11.47 15.12 0.78
CA TYR A 262 11.86 14.09 -0.16
C TYR A 262 10.77 13.74 -1.17
N GLY A 263 9.57 14.29 -1.04
CA GLY A 263 8.43 13.85 -1.83
C GLY A 263 7.99 14.89 -2.85
N TYR A 264 7.09 15.77 -2.46
CA TYR A 264 6.39 16.67 -3.39
C TYR A 264 7.32 17.70 -4.03
N VAL A 265 7.32 17.76 -5.36
CA VAL A 265 8.16 18.69 -6.10
C VAL A 265 7.40 20.00 -6.26
N PRO A 266 7.92 21.11 -5.76
CA PRO A 266 7.20 22.38 -5.88
C PRO A 266 7.16 22.83 -7.33
N SER A 267 6.19 23.70 -7.61
CA SER A 267 6.17 24.33 -8.92
C SER A 267 7.47 25.08 -9.13
N GLY A 268 8.02 24.98 -10.34
CA GLY A 268 9.19 25.76 -10.66
C GLY A 268 10.52 25.11 -10.34
N TYR A 269 10.51 23.97 -9.68
CA TYR A 269 11.72 23.18 -9.44
C TYR A 269 11.84 22.10 -10.50
N ARG A 270 13.07 21.81 -10.90
CA ARG A 270 13.33 20.64 -11.73
C ARG A 270 13.77 19.49 -10.83
N VAL A 271 13.37 18.27 -11.19
CA VAL A 271 13.74 17.13 -10.34
C VAL A 271 15.24 17.10 -10.16
N GLU A 272 16.00 17.60 -11.12
CA GLU A 272 17.43 17.48 -11.11
C GLU A 272 18.08 18.30 -10.05
N GLU A 273 17.36 19.26 -9.53
CA GLU A 273 17.96 20.14 -8.54
C GLU A 273 17.47 19.88 -7.14
N LEU A 274 16.62 18.88 -6.93
CA LEU A 274 16.07 18.68 -5.61
C LEU A 274 17.15 18.32 -4.60
N GLU A 275 18.11 17.49 -4.98
CA GLU A 275 19.17 17.10 -4.02
C GLU A 275 19.94 18.27 -3.57
N GLU A 276 20.21 19.13 -4.51
CA GLU A 276 20.90 20.32 -4.25
C GLU A 276 20.12 21.17 -3.29
N ALA A 277 18.84 21.30 -3.50
CA ALA A 277 17.99 22.05 -2.64
C ALA A 277 17.86 21.43 -1.28
N ARG A 278 17.73 20.14 -1.17
CA ARG A 278 17.67 19.51 0.15
C ARG A 278 18.91 19.82 0.97
N ALA A 279 20.08 19.83 0.32
CA ALA A 279 21.32 20.06 1.03
C ALA A 279 21.45 21.51 1.47
N ASN A 280 21.23 22.46 0.55
CA ASN A 280 21.46 23.87 0.83
C ASN A 280 20.35 24.46 1.68
N ASP A 281 19.12 24.43 1.20
CA ASP A 281 18.00 25.12 1.86
C ASP A 281 16.78 24.23 1.96
N PRO A 282 16.83 23.18 2.79
CA PRO A 282 15.66 22.30 2.92
C PRO A 282 14.44 23.03 3.44
N GLU A 283 14.61 24.07 4.24
CA GLU A 283 13.45 24.77 4.78
C GLU A 283 12.68 25.48 3.68
N GLN A 284 13.37 26.17 2.78
CA GLN A 284 12.67 26.83 1.69
C GLN A 284 11.97 25.82 0.78
N LEU A 285 12.65 24.69 0.49
CA LEU A 285 12.05 23.63 -0.31
C LEU A 285 10.72 23.17 0.31
N GLN A 286 10.70 22.94 1.64
CA GLN A 286 9.43 22.54 2.26
C GLN A 286 8.37 23.60 2.11
N ARG A 287 8.72 24.87 2.37
CA ARG A 287 7.73 25.93 2.20
C ARG A 287 7.23 25.96 0.77
N ASP A 288 8.13 25.81 -0.20
CA ASP A 288 7.72 25.83 -1.59
C ASP A 288 6.83 24.65 -1.92
N ALA A 289 7.15 23.47 -1.38
CA ALA A 289 6.34 22.28 -1.64
C ALA A 289 4.95 22.43 -1.03
N GLY A 290 4.90 22.96 0.19
CA GLY A 290 3.62 23.14 0.85
C GLY A 290 2.76 24.16 0.14
N ALA A 291 3.38 25.24 -0.34
CA ALA A 291 2.61 26.21 -1.11
C ALA A 291 2.06 25.61 -2.40
N SER A 292 2.86 24.77 -3.07
CA SER A 292 2.39 24.16 -4.32
C SER A 292 1.28 23.15 -4.05
N ILE A 293 1.38 22.37 -2.96
CA ILE A 293 0.28 21.50 -2.59
C ILE A 293 -0.98 22.31 -2.33
N ALA A 294 -0.85 23.45 -1.65
CA ALA A 294 -2.02 24.30 -1.41
C ALA A 294 -2.67 24.74 -2.73
N VAL A 295 -1.86 25.14 -3.71
CA VAL A 295 -2.40 25.49 -5.02
C VAL A 295 -3.13 24.32 -5.67
N GLU A 296 -2.52 23.14 -5.62
CA GLU A 296 -3.14 21.97 -6.21
C GLU A 296 -4.49 21.67 -5.55
N VAL A 297 -4.55 21.70 -4.22
CA VAL A 297 -5.80 21.36 -3.56
C VAL A 297 -6.85 22.45 -3.76
N GLU A 298 -6.45 23.72 -3.86
CA GLU A 298 -7.41 24.75 -4.24
C GLU A 298 -8.05 24.41 -5.59
N ALA A 299 -7.23 24.00 -6.54
CA ALA A 299 -7.76 23.57 -7.83
C ALA A 299 -8.71 22.37 -7.65
N MET A 300 -8.30 21.39 -6.84
CA MET A 300 -9.19 20.26 -6.55
C MET A 300 -10.51 20.73 -5.96
N LEU A 301 -10.45 21.69 -5.07
CA LEU A 301 -11.65 22.20 -4.44
C LEU A 301 -12.54 22.90 -5.49
N GLU A 302 -11.95 23.59 -6.42
CA GLU A 302 -12.74 24.24 -7.44
C GLU A 302 -13.37 23.18 -8.34
N LEU A 303 -12.59 22.16 -8.69
CA LEU A 303 -13.11 21.11 -9.53
C LEU A 303 -14.27 20.42 -8.84
N LYS A 304 -14.15 20.25 -7.54
CA LYS A 304 -15.24 19.65 -6.77
C LYS A 304 -16.51 20.46 -6.87
N LYS A 305 -16.38 21.79 -6.80
CA LYS A 305 -17.55 22.67 -6.89
C LYS A 305 -18.14 22.69 -8.30
N ARG A 306 -17.35 22.40 -9.30
CA ARG A 306 -17.90 22.28 -10.65
C ARG A 306 -18.43 20.90 -10.96
N GLY A 307 -18.48 20.01 -9.96
CA GLY A 307 -19.15 18.72 -10.09
C GLY A 307 -18.26 17.50 -10.15
N ALA A 308 -16.93 17.66 -10.10
CA ALA A 308 -16.05 16.49 -10.07
C ALA A 308 -16.24 15.73 -8.77
N ILE A 309 -16.09 14.41 -8.84
CA ILE A 309 -15.96 13.60 -7.64
C ILE A 309 -14.48 13.68 -7.25
N VAL A 310 -14.20 14.32 -6.13
CA VAL A 310 -12.83 14.63 -5.74
C VAL A 310 -12.51 13.90 -4.43
N PHE A 311 -11.33 13.31 -4.35
CA PHE A 311 -11.01 12.62 -3.10
C PHE A 311 -9.51 12.55 -2.89
N ASP A 312 -9.16 12.41 -1.60
CA ASP A 312 -7.80 12.20 -1.15
C ASP A 312 -7.47 10.71 -1.21
N ASN A 313 -6.36 10.37 -1.86
CA ASN A 313 -6.01 8.98 -2.11
C ASN A 313 -5.02 8.45 -1.08
N GLY A 314 -5.03 9.04 0.10
CA GLY A 314 -4.31 8.55 1.24
C GLY A 314 -2.89 9.04 1.28
N ASN A 315 -2.64 10.31 0.97
CA ASN A 315 -1.26 10.80 1.02
C ASN A 315 -1.14 12.06 1.87
N ASN A 316 -2.05 12.27 2.84
CA ASN A 316 -2.06 13.52 3.61
C ASN A 316 -2.03 14.79 2.78
N ILE A 317 -2.60 14.75 1.57
CA ILE A 317 -2.51 15.97 0.79
C ILE A 317 -3.42 17.04 1.41
N ARG A 318 -4.57 16.64 2.00
CA ARG A 318 -5.45 17.65 2.59
C ARG A 318 -4.85 18.22 3.85
N SER A 319 -4.24 17.36 4.68
CA SER A 319 -3.54 17.82 5.87
C SER A 319 -2.48 18.85 5.50
N GLN A 320 -1.65 18.54 4.49
CA GLN A 320 -0.63 19.49 4.06
C GLN A 320 -1.29 20.79 3.59
N ALA A 321 -2.28 20.66 2.70
CA ALA A 321 -2.94 21.86 2.18
C ALA A 321 -3.49 22.74 3.30
N LYS A 322 -4.11 22.14 4.32
CA LYS A 322 -4.65 22.94 5.41
C LYS A 322 -3.55 23.70 6.12
N GLU A 323 -2.45 23.00 6.46
CA GLU A 323 -1.29 23.63 7.09
C GLU A 323 -0.79 24.81 6.29
N TYR A 324 -0.91 24.77 4.97
CA TYR A 324 -0.42 25.88 4.15
C TYR A 324 -1.55 26.78 3.69
N GLY A 325 -2.66 26.80 4.43
CA GLY A 325 -3.67 27.83 4.29
C GLY A 325 -4.98 27.42 3.67
N VAL A 326 -5.15 26.18 3.19
CA VAL A 326 -6.42 25.79 2.58
C VAL A 326 -7.34 25.36 3.72
N GLN A 327 -8.17 26.29 4.19
CA GLN A 327 -8.92 26.03 5.41
C GLN A 327 -10.00 24.98 5.23
N ASN A 328 -10.62 24.92 4.05
CA ASN A 328 -11.68 23.95 3.77
C ASN A 328 -11.14 22.69 3.10
N ALA A 329 -9.84 22.45 3.20
CA ALA A 329 -9.27 21.27 2.56
C ALA A 329 -10.01 20.00 2.93
N PHE A 330 -10.51 19.89 4.15
CA PHE A 330 -11.16 18.65 4.51
C PHE A 330 -12.62 18.57 4.07
N ASP A 331 -13.06 19.54 3.24
CA ASP A 331 -14.27 19.33 2.45
C ASP A 331 -14.11 18.19 1.46
N ILE A 332 -12.88 17.92 1.05
CA ILE A 332 -12.60 16.84 0.11
C ILE A 332 -12.67 15.52 0.85
N ASP A 333 -13.34 14.54 0.25
CA ASP A 333 -13.53 13.22 0.84
C ASP A 333 -12.20 12.49 0.94
N ILE A 334 -12.16 11.52 1.86
CA ILE A 334 -11.06 10.57 1.95
C ILE A 334 -11.56 9.24 1.43
N PHE A 335 -10.69 8.50 0.74
CA PHE A 335 -11.18 7.30 0.06
C PHE A 335 -11.67 6.22 1.02
N THR A 336 -11.18 6.23 2.26
CA THR A 336 -11.56 5.21 3.21
C THR A 336 -13.02 5.42 3.63
N GLU A 337 -13.28 6.51 4.34
CA GLU A 337 -14.64 6.74 4.81
C GLU A 337 -15.63 6.78 3.65
N ALA A 338 -15.23 7.35 2.52
CA ALA A 338 -16.21 7.57 1.44
C ALA A 338 -16.47 6.33 0.59
N PHE A 339 -15.48 5.49 0.38
CA PHE A 339 -15.65 4.40 -0.58
C PHE A 339 -15.37 3.00 -0.04
N LEU A 340 -14.31 2.81 0.74
CA LEU A 340 -13.91 1.44 1.04
C LEU A 340 -14.30 0.95 2.42
N ARG A 341 -14.79 1.82 3.30
CA ARG A 341 -15.04 1.37 4.67
C ARG A 341 -16.05 0.23 4.75
N PRO A 342 -17.05 0.09 3.88
CA PRO A 342 -17.90 -1.10 3.97
C PRO A 342 -17.12 -2.39 3.79
N LEU A 343 -16.02 -2.38 3.03
CA LEU A 343 -15.17 -3.57 2.94
C LEU A 343 -14.40 -3.76 4.24
N PHE A 344 -13.73 -2.72 4.72
CA PHE A 344 -12.97 -2.83 5.95
C PHE A 344 -13.85 -3.32 7.09
N ALA A 345 -15.14 -2.95 7.09
CA ALA A 345 -16.03 -3.32 8.17
C ALA A 345 -16.25 -4.83 8.25
N ARG A 346 -15.98 -5.56 7.17
CA ARG A 346 -16.00 -7.01 7.19
C ARG A 346 -14.60 -7.59 7.12
N ALA A 347 -13.59 -6.75 7.31
CA ALA A 347 -12.18 -7.15 7.24
C ALA A 347 -11.84 -7.70 5.86
N ILE A 348 -12.58 -7.27 4.83
CA ILE A 348 -12.11 -7.48 3.46
C ILE A 348 -10.97 -6.50 3.20
N GLY A 349 -9.82 -7.00 2.79
CA GLY A 349 -8.68 -6.12 2.70
C GLY A 349 -7.58 -6.63 1.79
N PRO A 350 -6.47 -5.87 1.71
CA PRO A 350 -5.46 -6.08 0.64
C PRO A 350 -4.52 -7.25 0.87
N PHE A 351 -5.10 -8.45 0.87
CA PHE A 351 -4.35 -9.68 1.07
C PHE A 351 -3.53 -9.97 -0.18
N ARG A 352 -2.32 -10.50 0.00
CA ARG A 352 -1.42 -10.68 -1.14
C ARG A 352 -0.55 -11.90 -0.87
N TRP A 353 0.05 -12.43 -1.93
CA TRP A 353 0.91 -13.58 -1.76
C TRP A 353 2.02 -13.54 -2.81
N VAL A 354 3.13 -14.17 -2.49
CA VAL A 354 4.33 -14.11 -3.33
C VAL A 354 4.84 -15.51 -3.60
N ALA A 355 5.14 -15.80 -4.87
CA ALA A 355 5.69 -17.11 -5.24
C ALA A 355 7.19 -17.06 -5.00
N LEU A 356 7.63 -17.56 -3.84
CA LEU A 356 9.04 -17.49 -3.49
C LEU A 356 9.92 -18.30 -4.44
N SER A 357 9.36 -19.29 -5.13
CA SER A 357 10.16 -20.01 -6.11
C SER A 357 10.63 -19.11 -7.25
N GLY A 358 9.94 -18.00 -7.46
CA GLY A 358 10.17 -17.15 -8.61
C GLY A 358 9.38 -17.56 -9.85
N GLU A 359 8.57 -18.61 -9.77
CA GLU A 359 7.85 -19.15 -10.93
C GLU A 359 6.46 -18.52 -11.04
N LEU A 360 6.22 -17.85 -12.15
CA LEU A 360 4.90 -17.28 -12.41
C LEU A 360 3.82 -18.36 -12.47
N SER A 361 4.20 -19.59 -12.87
CA SER A 361 3.21 -20.66 -12.93
C SER A 361 2.59 -20.91 -11.57
N ASP A 362 3.35 -20.64 -10.50
CA ASP A 362 2.79 -20.78 -9.15
C ASP A 362 1.65 -19.79 -8.92
N ILE A 363 1.87 -18.52 -9.26
CA ILE A 363 0.78 -17.55 -9.16
C ILE A 363 -0.39 -18.00 -10.02
N HIS A 364 -0.12 -18.46 -11.25
CA HIS A 364 -1.23 -18.82 -12.14
C HIS A 364 -2.02 -20.00 -11.62
N ALA A 365 -1.34 -20.97 -11.00
CA ALA A 365 -2.07 -22.07 -10.38
C ALA A 365 -2.98 -21.58 -9.25
N ILE A 366 -2.50 -20.60 -8.45
CA ILE A 366 -3.36 -20.09 -7.39
C ILE A 366 -4.51 -19.29 -7.99
N ASP A 367 -4.25 -18.57 -9.05
CA ASP A 367 -5.28 -17.85 -9.75
C ASP A 367 -6.38 -18.83 -10.16
N GLU A 368 -6.01 -19.93 -10.76
CA GLU A 368 -6.98 -20.91 -11.19
C GLU A 368 -7.75 -21.52 -10.01
N PHE A 369 -7.06 -21.73 -8.91
CA PHE A 369 -7.71 -22.21 -7.73
C PHE A 369 -8.77 -21.23 -7.26
N ILE A 370 -8.47 -19.95 -7.27
CA ILE A 370 -9.44 -18.99 -6.77
C ILE A 370 -10.69 -18.96 -7.64
N LEU A 371 -10.52 -18.97 -8.94
CA LEU A 371 -11.65 -18.98 -9.84
C LEU A 371 -12.60 -20.18 -9.63
N GLU A 372 -12.06 -21.32 -9.22
CA GLU A 372 -12.81 -22.50 -8.99
C GLU A 372 -13.40 -22.57 -7.59
N ALA A 373 -12.63 -22.19 -6.60
CA ALA A 373 -13.05 -22.29 -5.23
C ALA A 373 -13.85 -21.14 -4.67
N PHE A 374 -13.82 -19.97 -5.30
CA PHE A 374 -14.58 -18.79 -4.87
C PHE A 374 -15.51 -18.29 -5.96
N SER A 375 -16.04 -19.21 -6.79
CA SER A 375 -16.76 -18.79 -8.00
C SER A 375 -18.07 -18.08 -7.69
N ASP A 376 -18.64 -18.26 -6.49
CA ASP A 376 -19.81 -17.49 -6.10
C ASP A 376 -19.46 -16.04 -5.73
N ASN A 377 -18.16 -15.73 -5.64
CA ASN A 377 -17.69 -14.41 -5.27
C ASN A 377 -17.31 -13.73 -6.58
N GLU A 378 -18.28 -13.05 -7.20
CA GLU A 378 -18.01 -12.54 -8.54
C GLU A 378 -17.00 -11.39 -8.50
N VAL A 379 -16.86 -10.72 -7.35
CA VAL A 379 -15.90 -9.62 -7.26
C VAL A 379 -14.49 -10.15 -7.38
N ILE A 380 -14.10 -11.09 -6.50
CA ILE A 380 -12.75 -11.62 -6.60
C ILE A 380 -12.55 -12.34 -7.93
N ALA A 381 -13.59 -13.00 -8.44
CA ALA A 381 -13.46 -13.71 -9.73
C ALA A 381 -13.15 -12.73 -10.86
N ASN A 382 -13.89 -11.63 -10.92
CA ASN A 382 -13.58 -10.56 -11.85
C ASN A 382 -12.15 -10.05 -11.67
N TRP A 383 -11.76 -9.77 -10.41
CA TRP A 383 -10.44 -9.17 -10.19
C TRP A 383 -9.33 -10.11 -10.66
N ILE A 384 -9.42 -11.39 -10.30
CA ILE A 384 -8.34 -12.33 -10.64
C ILE A 384 -8.23 -12.47 -12.15
N ARG A 385 -9.36 -12.55 -12.85
CA ARG A 385 -9.28 -12.60 -14.32
C ARG A 385 -8.55 -11.40 -14.87
N LEU A 386 -8.89 -10.22 -14.36
CA LEU A 386 -8.27 -9.00 -14.83
C LEU A 386 -6.79 -8.97 -14.52
N ALA A 387 -6.44 -9.33 -13.26
CA ALA A 387 -5.05 -9.23 -12.85
C ALA A 387 -4.18 -10.24 -13.61
N ARG A 388 -4.67 -11.47 -13.76
CA ARG A 388 -3.89 -12.45 -14.50
C ARG A 388 -3.62 -11.98 -15.92
N GLU A 389 -4.56 -11.23 -16.51
CA GLU A 389 -4.44 -10.84 -17.92
C GLU A 389 -3.56 -9.63 -18.07
N HIS A 390 -3.58 -8.70 -17.10
CA HIS A 390 -3.10 -7.34 -17.33
C HIS A 390 -1.99 -6.86 -16.40
N VAL A 391 -1.75 -7.51 -15.27
CA VAL A 391 -0.74 -7.04 -14.32
C VAL A 391 0.57 -7.73 -14.64
N PRO A 392 1.63 -7.00 -14.94
CA PRO A 392 2.90 -7.63 -15.30
C PRO A 392 3.64 -8.12 -14.06
N VAL A 393 4.58 -9.00 -14.26
CA VAL A 393 5.37 -9.48 -13.14
C VAL A 393 6.32 -8.39 -12.71
N GLU A 394 6.41 -8.17 -11.43
CA GLU A 394 7.32 -7.21 -10.86
C GLU A 394 8.08 -7.89 -9.73
N GLY A 395 9.36 -8.12 -9.93
CA GLY A 395 10.16 -8.84 -8.98
C GLY A 395 9.66 -10.27 -8.93
N LEU A 396 9.57 -10.83 -7.75
CA LEU A 396 8.99 -12.15 -7.62
C LEU A 396 7.54 -12.11 -8.08
N PRO A 397 7.08 -13.12 -8.83
CA PRO A 397 5.64 -13.17 -9.16
C PRO A 397 4.81 -13.07 -7.89
N ALA A 398 3.76 -12.25 -7.94
CA ALA A 398 2.93 -12.01 -6.77
C ALA A 398 1.51 -11.68 -7.24
N ARG A 399 0.56 -11.71 -6.29
CA ARG A 399 -0.83 -11.42 -6.60
C ARG A 399 -1.45 -10.66 -5.45
N ILE A 400 -2.24 -9.63 -5.79
CA ILE A 400 -3.10 -8.92 -4.85
C ILE A 400 -4.51 -9.49 -4.99
N GLY A 401 -5.19 -9.69 -3.85
CA GLY A 401 -6.55 -10.19 -3.97
C GLY A 401 -7.30 -9.93 -2.69
N TRP A 402 -8.26 -9.02 -2.73
CA TRP A 402 -8.93 -8.60 -1.50
C TRP A 402 -9.89 -9.69 -1.06
N PHE A 403 -9.69 -10.16 0.16
CA PHE A 403 -10.48 -11.23 0.74
C PHE A 403 -10.84 -10.81 2.16
N GLY A 404 -11.97 -11.33 2.66
CA GLY A 404 -12.38 -11.06 4.02
C GLY A 404 -12.22 -12.23 4.97
N HIS A 405 -12.98 -12.18 6.06
CA HIS A 405 -12.78 -13.11 7.16
C HIS A 405 -13.17 -14.53 6.73
N GLY A 406 -12.28 -15.48 6.99
CA GLY A 406 -12.51 -16.85 6.66
C GLY A 406 -12.03 -17.16 5.26
N ASP A 407 -12.26 -16.26 4.30
CA ASP A 407 -11.75 -16.46 2.95
C ASP A 407 -10.22 -16.41 2.92
N ARG A 408 -9.60 -15.47 3.64
CA ARG A 408 -8.14 -15.47 3.68
C ARG A 408 -7.63 -16.81 4.15
N THR A 409 -8.26 -17.33 5.21
CA THR A 409 -7.83 -18.60 5.79
C THR A 409 -8.02 -19.74 4.80
N LYS A 410 -9.20 -19.79 4.18
CA LYS A 410 -9.49 -20.80 3.15
C LYS A 410 -8.43 -20.80 2.05
N LEU A 411 -8.14 -19.63 1.49
CA LEU A 411 -7.11 -19.55 0.45
C LEU A 411 -5.76 -20.06 0.96
N ALA A 412 -5.32 -19.55 2.11
CA ALA A 412 -3.98 -19.89 2.57
C ALA A 412 -3.85 -21.37 2.89
N LEU A 413 -4.89 -21.98 3.47
CA LEU A 413 -4.83 -23.42 3.73
C LEU A 413 -4.79 -24.22 2.43
N ALA A 414 -5.62 -23.89 1.44
CA ALA A 414 -5.55 -24.56 0.13
C ALA A 414 -4.16 -24.44 -0.47
N VAL A 415 -3.59 -23.23 -0.42
CA VAL A 415 -2.28 -23.01 -1.04
C VAL A 415 -1.20 -23.81 -0.32
N ASN A 416 -1.25 -23.81 1.03
CA ASN A 416 -0.28 -24.61 1.76
C ASN A 416 -0.38 -26.08 1.38
N GLN A 417 -1.60 -26.59 1.24
CA GLN A 417 -1.70 -27.97 0.79
C GLN A 417 -1.12 -28.12 -0.62
N MET A 418 -1.33 -27.12 -1.49
CA MET A 418 -0.79 -27.23 -2.85
C MET A 418 0.72 -27.24 -2.81
N VAL A 419 1.32 -26.48 -1.89
CA VAL A 419 2.76 -26.56 -1.73
C VAL A 419 3.14 -27.97 -1.28
N ARG A 420 2.44 -28.48 -0.29
CA ARG A 420 2.77 -29.79 0.26
C ARG A 420 2.65 -30.89 -0.80
N GLU A 421 1.62 -30.82 -1.63
CA GLU A 421 1.34 -31.81 -2.68
C GLU A 421 2.12 -31.57 -3.98
N GLY A 422 3.06 -30.64 -3.97
CA GLY A 422 3.81 -30.35 -5.18
C GLY A 422 3.01 -29.75 -6.32
N LYS A 423 1.82 -29.24 -6.05
CA LYS A 423 1.11 -28.51 -7.09
C LYS A 423 1.65 -27.11 -7.29
N LEU A 424 2.47 -26.62 -6.36
CA LEU A 424 3.24 -25.40 -6.52
C LEU A 424 4.71 -25.79 -6.39
N GLN A 425 5.58 -25.06 -7.08
CA GLN A 425 6.98 -25.44 -7.14
C GLN A 425 7.69 -25.19 -5.82
N GLY A 426 7.24 -24.17 -5.08
CA GLY A 426 7.93 -23.75 -3.89
C GLY A 426 6.96 -23.06 -2.97
N PRO A 427 7.44 -22.69 -1.78
CA PRO A 427 6.55 -22.08 -0.79
C PRO A 427 6.00 -20.73 -1.23
N ILE A 428 4.95 -20.32 -0.53
CA ILE A 428 4.22 -19.09 -0.85
C ILE A 428 4.21 -18.22 0.40
N ALA A 429 4.52 -16.95 0.25
CA ALA A 429 4.43 -16.03 1.37
C ALA A 429 3.12 -15.27 1.26
N PHE A 430 2.43 -15.12 2.39
CA PHE A 430 1.19 -14.36 2.47
C PHE A 430 1.41 -13.11 3.30
N SER A 431 0.84 -12.00 2.86
CA SER A 431 0.92 -10.82 3.72
C SER A 431 -0.23 -9.90 3.31
N ARG A 432 -0.07 -8.62 3.60
CA ARG A 432 -1.12 -7.67 3.24
C ARG A 432 -0.54 -6.29 3.43
N ASP A 433 -1.21 -5.31 2.85
CA ASP A 433 -0.91 -3.95 3.25
C ASP A 433 -1.33 -3.75 4.70
N HIS A 434 -0.88 -2.65 5.31
CA HIS A 434 -1.37 -2.34 6.66
C HIS A 434 -2.71 -1.64 6.63
N LEU A 435 -3.15 -1.22 5.44
CA LEU A 435 -4.46 -0.59 5.25
C LEU A 435 -5.49 -1.72 5.34
N ASP A 436 -5.79 -2.16 6.55
CA ASP A 436 -6.64 -3.32 6.80
C ASP A 436 -7.33 -3.10 8.15
N ALA A 437 -8.47 -3.71 8.30
CA ALA A 437 -9.31 -3.53 9.43
C ALA A 437 -8.71 -3.33 10.84
N ALA A 438 -8.04 -4.24 11.48
CA ALA A 438 -7.57 -3.82 12.86
C ALA A 438 -6.13 -3.31 12.87
N SER A 439 -5.63 -2.98 11.72
CA SER A 439 -4.21 -2.74 11.62
C SER A 439 -3.67 -1.38 11.25
N MET A 440 -4.54 -0.43 11.36
CA MET A 440 -4.22 0.91 11.04
C MET A 440 -5.05 1.97 11.73
N THR A 441 -4.36 2.92 12.29
CA THR A 441 -5.01 4.05 12.90
C THR A 441 -4.40 5.28 12.26
N HIS A 442 -5.24 6.08 11.66
CA HIS A 442 -4.88 7.31 11.01
C HIS A 442 -6.13 8.15 10.79
N PRO A 443 -6.34 9.13 11.66
CA PRO A 443 -7.49 10.01 11.67
C PRO A 443 -7.75 10.74 10.36
N ASN A 444 -6.78 10.84 9.48
CA ASN A 444 -7.08 11.46 8.19
C ASN A 444 -6.89 10.50 7.04
N ILE A 445 -6.80 9.20 7.33
CA ILE A 445 -6.85 8.20 6.27
C ILE A 445 -7.77 7.09 6.77
N MET A 446 -7.18 6.00 7.27
CA MET A 446 -7.97 4.82 7.58
C MET A 446 -9.15 5.11 8.48
N THR A 447 -8.93 5.86 9.58
CA THR A 447 -9.94 6.00 10.62
C THR A 447 -10.51 7.43 10.73
N GLU A 448 -10.62 8.11 9.59
CA GLU A 448 -11.22 9.43 9.58
C GLU A 448 -12.74 9.31 9.75
N ARG A 449 -13.28 10.03 10.73
CA ARG A 449 -14.73 10.11 10.96
C ARG A 449 -15.32 8.72 11.20
N MET A 450 -14.76 8.02 12.18
CA MET A 450 -15.35 6.76 12.59
C MET A 450 -16.72 7.06 13.20
N LYS A 451 -17.63 6.09 13.07
CA LYS A 451 -18.99 6.25 13.57
C LYS A 451 -19.02 6.64 15.05
N ASP A 452 -18.14 6.05 15.84
CA ASP A 452 -18.13 6.33 17.29
C ASP A 452 -17.12 7.38 17.69
N GLY A 453 -16.43 8.02 16.74
CA GLY A 453 -15.47 9.03 17.08
C GLY A 453 -14.13 8.51 17.53
N SER A 454 -13.85 7.23 17.27
CA SER A 454 -12.63 6.60 17.80
C SER A 454 -11.44 6.81 16.87
N ASP A 455 -11.42 7.94 16.17
CA ASP A 455 -10.55 8.07 15.02
C ASP A 455 -9.08 7.91 15.45
N ALA A 456 -8.75 8.41 16.63
CA ALA A 456 -7.36 8.53 17.10
C ALA A 456 -6.86 7.32 17.89
N ILE A 457 -7.72 6.34 18.16
CA ILE A 457 -7.40 5.24 19.07
C ILE A 457 -6.44 4.30 18.34
N ALA A 458 -5.21 4.22 18.83
CA ALA A 458 -4.16 3.38 18.27
C ALA A 458 -4.03 2.05 19.00
N ASP A 459 -4.90 1.76 19.99
CA ASP A 459 -4.88 0.44 20.61
C ASP A 459 -4.93 -0.69 19.58
N TRP A 460 -5.75 -0.52 18.55
CA TRP A 460 -6.10 -1.64 17.68
C TRP A 460 -4.91 -2.23 16.93
N PRO A 461 -4.09 -1.46 16.22
CA PRO A 461 -2.92 -2.09 15.59
C PRO A 461 -1.96 -2.71 16.58
N LEU A 462 -1.80 -2.11 17.77
CA LEU A 462 -1.01 -2.74 18.83
C LEU A 462 -1.59 -4.09 19.20
N LEU A 463 -2.91 -4.14 19.43
CA LEU A 463 -3.58 -5.42 19.64
C LEU A 463 -3.38 -6.40 18.48
N ASN A 464 -3.47 -5.91 17.24
CA ASN A 464 -3.33 -6.78 16.07
C ASN A 464 -1.95 -7.43 16.08
N ALA A 465 -0.91 -6.64 16.34
CA ALA A 465 0.45 -7.18 16.42
C ALA A 465 0.57 -8.21 17.54
N MET A 466 0.18 -7.84 18.77
CA MET A 466 0.27 -8.80 19.87
C MET A 466 -0.50 -10.07 19.63
N LEU A 467 -1.73 -9.96 19.13
CA LEU A 467 -2.50 -11.15 18.83
C LEU A 467 -1.87 -11.98 17.72
N ASN A 468 -1.34 -11.31 16.68
CA ASN A 468 -0.69 -12.08 15.62
C ASN A 468 0.58 -12.76 16.12
N CYS A 469 1.33 -12.11 17.02
CA CYS A 469 2.46 -12.81 17.65
C CYS A 469 1.98 -14.02 18.42
N SER A 470 0.84 -13.88 19.08
CA SER A 470 0.26 -14.99 19.83
C SER A 470 -0.34 -16.03 18.92
N SER A 471 -0.45 -15.76 17.62
CA SER A 471 -1.15 -16.64 16.70
C SER A 471 -0.22 -17.41 15.78
N MET A 472 1.09 -17.34 16.01
CA MET A 472 2.08 -18.17 15.32
C MET A 472 2.50 -17.61 13.96
N ALA A 473 2.37 -16.30 13.75
CA ALA A 473 2.79 -15.69 12.50
C ALA A 473 4.32 -15.77 12.37
N ASP A 474 4.81 -15.53 11.15
CA ASP A 474 6.26 -15.62 10.92
C ASP A 474 6.95 -14.30 11.11
N LEU A 475 6.27 -13.21 10.78
CA LEU A 475 6.83 -11.88 10.99
C LEU A 475 5.71 -10.94 11.42
N VAL A 476 5.95 -10.15 12.46
CA VAL A 476 4.98 -9.17 12.93
C VAL A 476 5.69 -7.83 13.09
N THR A 477 5.01 -6.77 12.73
CA THR A 477 5.60 -5.43 12.78
C THR A 477 4.59 -4.42 13.29
N ILE A 478 5.10 -3.41 14.00
CA ILE A 478 4.35 -2.20 14.33
C ILE A 478 5.12 -1.00 13.79
N HIS A 479 4.44 -0.18 12.97
CA HIS A 479 5.06 1.01 12.39
C HIS A 479 4.31 2.24 12.86
N SER A 480 5.01 3.39 12.92
CA SER A 480 4.31 4.66 13.01
C SER A 480 4.83 5.60 11.93
N GLY A 481 4.14 6.71 11.75
CA GLY A 481 4.44 7.59 10.63
C GLY A 481 5.79 8.28 10.78
N GLY A 482 6.44 8.48 9.64
CA GLY A 482 7.63 9.29 9.54
C GLY A 482 7.44 10.36 8.49
N GLY A 483 8.44 11.23 8.38
CA GLY A 483 8.25 12.43 7.57
C GLY A 483 7.02 13.17 7.98
N GLY A 484 6.25 13.62 6.99
CA GLY A 484 5.01 14.32 7.30
C GLY A 484 3.92 13.45 7.88
N TYR A 485 4.10 12.12 7.87
CA TYR A 485 3.17 11.25 8.59
C TYR A 485 3.45 11.20 10.08
N ALA A 486 4.54 11.81 10.55
CA ALA A 486 4.86 11.72 11.98
C ALA A 486 3.70 12.25 12.81
N GLY A 487 3.29 11.45 13.80
CA GLY A 487 2.19 11.81 14.66
C GLY A 487 0.82 11.49 14.11
N TYR A 488 0.71 10.99 12.87
CA TYR A 488 -0.59 10.74 12.27
C TYR A 488 -1.03 9.29 12.35
N MET A 489 -0.10 8.34 12.41
CA MET A 489 -0.58 6.98 12.23
C MET A 489 0.31 5.97 12.91
N THR A 490 -0.31 4.85 13.21
CA THR A 490 0.34 3.66 13.75
C THR A 490 -0.33 2.51 13.06
N SER A 491 0.46 1.53 12.64
CA SER A 491 -0.10 0.40 11.90
C SER A 491 0.63 -0.87 12.30
N ALA A 492 0.11 -2.03 11.87
CA ALA A 492 0.69 -3.33 12.15
C ALA A 492 0.59 -4.20 10.91
N GLY A 493 1.61 -5.04 10.69
CA GLY A 493 1.63 -5.92 9.55
C GLY A 493 1.97 -7.33 10.00
N VAL A 494 1.82 -8.28 9.08
CA VAL A 494 2.00 -9.69 9.41
C VAL A 494 2.42 -10.44 8.15
N THR A 495 3.35 -11.36 8.28
CA THR A 495 3.73 -12.23 7.14
C THR A 495 3.64 -13.67 7.61
N LEU A 496 3.12 -14.52 6.73
CA LEU A 496 3.00 -15.96 6.92
C LEU A 496 3.73 -16.66 5.80
N VAL A 497 4.35 -17.79 6.11
CA VAL A 497 5.03 -18.60 5.09
C VAL A 497 4.26 -19.90 4.99
N ALA A 498 3.68 -20.14 3.83
CA ALA A 498 3.01 -21.40 3.53
C ALA A 498 4.07 -22.30 2.90
N ASP A 499 4.81 -23.01 3.74
CA ASP A 499 5.90 -23.86 3.28
C ASP A 499 5.47 -25.30 3.09
N GLY A 500 4.19 -25.58 3.17
CA GLY A 500 3.70 -26.91 2.94
C GLY A 500 3.54 -27.80 4.16
N SER A 501 4.20 -27.49 5.29
CA SER A 501 4.14 -28.42 6.42
C SER A 501 2.77 -28.40 7.06
N THR A 502 2.46 -29.50 7.75
CA THR A 502 1.21 -29.54 8.50
C THR A 502 1.25 -28.58 9.67
N GLU A 503 2.42 -28.36 10.25
CA GLU A 503 2.47 -27.38 11.33
C GLU A 503 2.15 -26.00 10.82
N SER A 504 2.55 -25.67 9.58
CA SER A 504 2.18 -24.37 9.02
C SER A 504 0.67 -24.23 8.85
N ASP A 505 -0.04 -25.34 8.63
CA ASP A 505 -1.49 -25.27 8.54
C ASP A 505 -2.07 -24.61 9.78
N ILE A 506 -1.62 -25.05 10.95
CA ILE A 506 -2.10 -24.46 12.20
C ILE A 506 -1.75 -22.98 12.24
N ARG A 507 -0.50 -22.63 11.93
CA ARG A 507 -0.09 -21.23 12.01
C ARG A 507 -0.94 -20.36 11.11
N LEU A 508 -1.14 -20.81 9.86
CA LEU A 508 -1.87 -20.02 8.87
C LEU A 508 -3.31 -19.82 9.30
N GLU A 509 -3.96 -20.91 9.72
CA GLU A 509 -5.34 -20.84 10.18
C GLU A 509 -5.46 -19.89 11.37
N THR A 510 -4.58 -20.06 12.37
CA THR A 510 -4.70 -19.31 13.63
C THR A 510 -4.48 -17.84 13.38
N THR A 511 -3.40 -17.50 12.66
CA THR A 511 -3.10 -16.10 12.38
C THR A 511 -4.16 -15.45 11.51
N LEU A 512 -4.55 -16.11 10.41
CA LEU A 512 -5.46 -15.43 9.48
C LEU A 512 -6.85 -15.27 10.10
N ASN A 513 -7.36 -16.28 10.82
CA ASN A 513 -8.66 -16.08 11.47
C ASN A 513 -8.61 -14.92 12.47
N ASN A 514 -7.49 -14.75 13.18
CA ASN A 514 -7.41 -13.66 14.16
C ASN A 514 -7.04 -12.32 13.55
N ASP A 515 -6.29 -12.34 12.44
CA ASP A 515 -5.97 -11.09 11.78
C ASP A 515 -7.22 -10.46 11.21
N THR A 516 -8.08 -11.25 10.55
CA THR A 516 -9.34 -10.68 10.10
C THR A 516 -10.35 -10.59 11.24
N GLY A 517 -10.34 -11.55 12.16
CA GLY A 517 -11.35 -11.56 13.20
C GLY A 517 -11.30 -10.31 14.06
N LEU A 518 -10.10 -9.87 14.43
CA LEU A 518 -10.02 -8.65 15.22
C LEU A 518 -10.43 -7.45 14.39
N GLY A 519 -10.11 -7.50 13.08
CA GLY A 519 -10.57 -6.47 12.16
C GLY A 519 -12.07 -6.29 12.18
N VAL A 520 -12.83 -7.39 12.07
CA VAL A 520 -14.29 -7.28 12.15
C VAL A 520 -14.70 -6.69 13.49
N LEU A 521 -14.11 -7.17 14.57
CA LEU A 521 -14.56 -6.68 15.88
C LEU A 521 -14.22 -5.21 16.07
N ARG A 522 -13.13 -4.73 15.47
CA ARG A 522 -12.81 -3.31 15.62
C ARG A 522 -13.90 -2.43 15.03
N TYR A 523 -14.43 -2.79 13.86
CA TYR A 523 -15.53 -2.04 13.26
C TYR A 523 -16.85 -2.38 13.95
N ALA A 524 -17.02 -3.61 14.41
CA ALA A 524 -18.23 -3.90 15.19
C ALA A 524 -18.29 -3.04 16.44
N ASP A 525 -17.15 -2.90 17.15
CA ASP A 525 -17.09 -2.06 18.33
C ASP A 525 -17.47 -0.64 18.02
N ALA A 526 -17.11 -0.14 16.84
CA ALA A 526 -17.46 1.24 16.53
C ALA A 526 -18.91 1.40 16.10
N GLY A 527 -19.65 0.31 15.98
CA GLY A 527 -21.08 0.40 15.72
C GLY A 527 -21.48 0.12 14.29
N TYR A 528 -20.57 -0.42 13.47
CA TYR A 528 -20.89 -0.63 12.05
C TYR A 528 -21.74 -1.89 11.90
N GLU A 529 -22.87 -1.74 11.22
CA GLU A 529 -23.81 -2.84 11.10
C GLU A 529 -23.29 -3.96 10.20
N GLU A 530 -22.48 -3.63 9.18
CA GLU A 530 -21.85 -4.68 8.37
C GLU A 530 -21.00 -5.59 9.25
N SER A 531 -20.32 -5.01 10.24
CA SER A 531 -19.49 -5.79 11.16
C SER A 531 -20.36 -6.69 12.05
N ALA A 532 -21.44 -6.15 12.57
CA ALA A 532 -22.30 -6.95 13.42
C ALA A 532 -22.91 -8.10 12.61
N ASP A 533 -23.22 -7.83 11.33
CA ASP A 533 -23.65 -8.92 10.47
C ASP A 533 -22.55 -9.95 10.27
N GLU A 534 -21.33 -9.48 9.99
CA GLU A 534 -20.23 -10.41 9.79
C GLU A 534 -19.99 -11.25 11.03
N VAL A 535 -20.06 -10.65 12.24
CA VAL A 535 -19.89 -11.42 13.45
C VAL A 535 -20.89 -12.59 13.48
N ARG A 536 -22.16 -12.29 13.23
CA ARG A 536 -23.14 -13.38 13.27
C ARG A 536 -22.88 -14.40 12.17
N LEU A 537 -22.55 -13.93 10.96
CA LEU A 537 -22.32 -14.86 9.86
C LEU A 537 -21.18 -15.83 10.16
N LYS A 538 -20.13 -15.37 10.84
CA LYS A 538 -18.88 -16.14 10.96
C LYS A 538 -18.60 -16.59 12.39
N ASP A 539 -19.55 -16.38 13.30
CA ASP A 539 -19.46 -16.85 14.69
C ASP A 539 -18.19 -16.33 15.36
N ILE A 540 -17.89 -15.06 15.08
CA ILE A 540 -16.79 -14.40 15.79
C ILE A 540 -17.23 -14.12 17.21
N ARG A 541 -16.36 -14.38 18.18
CA ARG A 541 -16.79 -14.28 19.58
C ARG A 541 -16.61 -12.84 20.07
N TRP A 542 -17.58 -12.02 19.71
CA TRP A 542 -17.65 -10.63 20.14
C TRP A 542 -18.25 -10.58 21.55
N ILE A 543 -17.50 -10.07 22.50
CA ILE A 543 -17.97 -9.95 23.88
C ILE A 543 -18.95 -8.80 24.03
N LYS A 544 -20.08 -9.07 24.68
CA LYS A 544 -21.08 -8.05 24.96
C LYS A 544 -20.97 -7.62 26.41
N THR A 545 -21.01 -6.34 26.63
CA THR A 545 -20.88 -5.79 27.94
C THR A 545 -22.07 -5.01 28.45
N ASN A 546 -22.90 -4.49 27.57
CA ASN A 546 -23.98 -3.63 28.05
C ASN A 546 -25.37 -4.07 27.75
OAA URO B . 0.73 -2.06 -0.85
CAI URO B . 1.83 -1.69 -0.26
OAB URO B . 2.80 -2.34 -0.24
CAC URO B . 1.87 -0.40 0.45
CAD URO B . 0.80 0.35 0.49
CAJ URO B . 1.02 1.55 1.22
CAF URO B . 0.27 2.68 1.21
NAH URO B . 0.90 3.69 1.90
CAE URO B . 2.02 3.16 2.31
NAG URO B . 2.15 1.87 1.93
PA NAD C . 6.71 7.72 -4.70
O1A NAD C . 7.45 8.85 -3.99
O2A NAD C . 7.33 6.50 -5.27
O5B NAD C . 6.15 8.49 -6.09
C5B NAD C . 5.66 9.75 -5.88
C4B NAD C . 5.50 10.35 -7.35
O4B NAD C . 5.04 11.67 -7.36
C3B NAD C . 6.97 10.35 -7.89
O3B NAD C . 7.02 9.76 -9.12
C2B NAD C . 7.29 11.88 -8.00
O2B NAD C . 8.04 12.21 -9.11
C1B NAD C . 5.89 12.41 -8.28
N9A NAD C . 5.67 13.80 -7.91
C8A NAD C . 6.14 14.52 -6.81
N7A NAD C . 5.75 15.76 -6.80
C5A NAD C . 4.96 15.88 -7.93
C6A NAD C . 4.25 16.97 -8.47
N6A NAD C . 4.23 18.19 -7.87
N1A NAD C . 3.53 16.81 -9.62
C2A NAD C . 3.59 15.58 -10.19
N3A NAD C . 4.22 14.46 -9.78
C4A NAD C . 4.90 14.66 -8.63
O3 NAD C . 5.47 7.60 -3.75
PN NAD C . 4.48 6.36 -3.87
O1N NAD C . 4.86 5.03 -3.29
O2N NAD C . 3.79 6.46 -5.21
O5D NAD C . 3.19 6.77 -2.81
C5D NAD C . 2.58 8.05 -3.13
C4D NAD C . 1.58 8.38 -2.07
O4D NAD C . 0.72 7.28 -1.80
C3D NAD C . 2.49 8.51 -0.74
O3D NAD C . 2.09 9.63 0.05
C2D NAD C . 2.20 7.19 0.05
O2D NAD C . 2.17 7.30 1.41
C1D NAD C . 0.71 7.21 -0.40
N1N NAD C . -0.15 6.10 0.02
C2N NAD C . -0.41 6.15 1.37
C3N NAD C . -1.26 5.23 1.97
C7N NAD C . -1.42 5.34 3.49
O7N NAD C . -2.41 4.95 4.11
N7N NAD C . -0.34 5.84 4.20
C4N NAD C . -1.86 4.28 1.13
C5N NAD C . -1.59 4.30 -0.24
C6N NAD C . -0.73 5.24 -0.81
H51A NAD C . 4.80 9.74 -5.41
H52A NAD C . 6.25 10.29 -5.34
H4B NAD C . 4.83 9.86 -7.84
H3B NAD C . 7.54 9.87 -7.27
HO3A NAD C . 6.26 9.46 -9.28
H2B NAD C . 7.68 12.22 -7.18
HO2A NAD C . 8.85 12.13 -8.87
H1B NAD C . 5.64 12.26 -9.21
H8A NAD C . 6.69 14.10 -6.17
H61A NAD C . 4.85 18.41 -7.33
H62A NAD C . 3.61 18.75 -8.05
H2A NAD C . 3.13 15.51 -10.99
H51N NAD C . 2.10 8.04 -3.98
H52N NAD C . 3.22 8.77 -3.17
H4D NAD C . 1.00 9.11 -2.32
H3D NAD C . 3.41 8.59 -1.04
HO3N NAD C . 1.52 10.04 -0.40
H2D NAD C . 2.76 6.42 -0.17
HO2N NAD C . 1.57 7.85 1.59
H1D NAD C . 0.24 7.98 -0.02
H2N NAD C . 0.01 6.82 1.87
H71N NAD C . 0.36 6.11 3.81
H72N NAD C . -0.36 5.92 5.06
H4N NAD C . -2.44 3.65 1.48
H5N NAD C . -1.98 3.66 -0.79
H6N NAD C . -0.55 5.28 -1.72
C1 EDO D . 18.05 2.02 -8.21
O1 EDO D . 18.66 2.47 -7.03
C2 EDO D . 17.08 0.91 -7.91
O2 EDO D . 15.81 1.38 -7.49
H11 EDO D . 17.53 2.85 -8.70
H12 EDO D . 18.82 1.65 -8.90
HO1 EDO D . 19.45 1.94 -6.86
H21 EDO D . 16.95 0.30 -8.81
H22 EDO D . 17.51 0.28 -7.13
HO2 EDO D . 15.13 0.83 -7.88
#